data_1K74
#
_entry.id   1K74
#
_cell.length_a   46.62
_cell.length_b   55.10
_cell.length_c   214.86
_cell.angle_alpha   90
_cell.angle_beta   90
_cell.angle_gamma   90
#
_symmetry.space_group_name_H-M   'P 21 21 21'
#
loop_
_entity.id
_entity.type
_entity.pdbx_description
1 polymer 'Retinoic acid receptor RXR-alpha'
2 polymer 'Peroxisome proliferator activated receptor gamma'
3 polymer 'steroid receptor coactivator'
4 non-polymer '(9cis)-retinoic acid'
5 non-polymer '2-(1-METHYL-3-OXO-3-PHENYL-PROPYLAMINO)-3-{4-[2-(5-METHYL-2-PHENYL-OXAZOL-4-YL)-ETHOXY]-PHENYL}-PROPIONIC ACID'
6 water water
#
loop_
_entity_poly.entity_id
_entity_poly.type
_entity_poly.pdbx_seq_one_letter_code
_entity_poly.pdbx_strand_id
1 'polypeptide(L)'
;SANEDMPVERILEAELAVEPKTETYVEANMGLNPSSPNDPVTNICQAADKQLFTLVEWAKRIPHFSELPLDDQVILLRAG
WNELLIASFSHRSIAVKDGILLATGLHVHRNSAHSAGVGAIFDRVLTELVSKMRDMQMDKTELGCLRAIVLFNPDSKGLS
NPAEVEALREKVYASLEAYCKHKYPEQPGRFAKLLLRLPALRSIGLKCLEHLFFFKLIGDTPIDTFLMEMLEAPHQMT
;
A
2 'polypeptide(L)'
;MKKGHHHHHHGPESADLRALAKHLYDSYIKSFPLTKAKARAILTGKTTDKSPFVIYDMNSLMMGEDKIKFKHITPLQEQS
KEVAIRIFQGCQFRSVEAVQEITEYAKSIPGFVNLDLNDQVTLLKYGVHEIIYTMLASLMNKDGVLISEGQGFMTREFLK
SLRKPFGDFMEPKFEFAVKFNALELDDSDLAIFIAVIILSGDRPGLLNVKPIEDIQDNLLQALELQLKLNHPESSQLFAK
LLQKMTDLRQIVTEHVQLLQVIKKTETDMSLHPLLQEIYKDLY
;
D
3 'polypeptide(L)' CPSSHSSLTERHKILHRLLQEGSPS B,E
#
# COMPACT_ATOMS: atom_id res chain seq x y z
N ASN A 3 -5.88 -22.48 -20.53
CA ASN A 3 -6.81 -22.28 -21.68
C ASN A 3 -6.58 -20.91 -22.34
N GLU A 4 -7.08 -19.85 -21.70
CA GLU A 4 -6.94 -18.48 -22.21
C GLU A 4 -5.89 -17.74 -21.38
N ASP A 5 -4.78 -18.40 -21.10
CA ASP A 5 -3.72 -17.82 -20.28
C ASP A 5 -4.16 -17.89 -18.83
N MET A 6 -5.23 -17.17 -18.51
CA MET A 6 -5.74 -17.16 -17.13
C MET A 6 -7.24 -17.40 -17.02
N PRO A 7 -7.69 -18.62 -17.36
CA PRO A 7 -9.10 -18.98 -17.29
C PRO A 7 -9.69 -18.79 -15.89
N VAL A 8 -10.73 -17.97 -15.84
CA VAL A 8 -11.39 -17.65 -14.59
C VAL A 8 -12.15 -18.85 -13.99
N GLU A 9 -12.42 -19.86 -14.81
CA GLU A 9 -13.13 -21.05 -14.31
C GLU A 9 -12.19 -21.88 -13.44
N ARG A 10 -10.93 -21.94 -13.83
CA ARG A 10 -9.94 -22.70 -13.06
C ARG A 10 -9.59 -22.01 -11.73
N ILE A 11 -9.64 -20.67 -11.72
CA ILE A 11 -9.34 -19.94 -10.48
C ILE A 11 -10.45 -20.21 -9.47
N LEU A 12 -11.69 -20.30 -9.96
CA LEU A 12 -12.85 -20.58 -9.11
C LEU A 12 -12.72 -22.00 -8.56
N GLU A 13 -12.29 -22.92 -9.41
CA GLU A 13 -12.15 -24.31 -9.01
C GLU A 13 -11.05 -24.47 -7.98
N ALA A 14 -10.02 -23.64 -8.07
CA ALA A 14 -8.93 -23.69 -7.10
C ALA A 14 -9.52 -23.30 -5.76
N GLU A 15 -10.26 -22.18 -5.75
CA GLU A 15 -10.91 -21.68 -4.55
C GLU A 15 -11.90 -22.67 -3.95
N LEU A 16 -12.71 -23.29 -4.80
CA LEU A 16 -13.70 -24.25 -4.34
C LEU A 16 -13.09 -25.56 -3.83
N ALA A 17 -12.04 -26.01 -4.50
CA ALA A 17 -11.38 -27.25 -4.12
C ALA A 17 -10.74 -27.23 -2.73
N VAL A 18 -10.42 -26.04 -2.23
CA VAL A 18 -9.76 -25.93 -0.93
C VAL A 18 -10.52 -25.18 0.16
N GLU A 19 -11.82 -25.41 0.28
CA GLU A 19 -12.58 -24.70 1.31
C GLU A 19 -12.16 -25.18 2.72
N PRO A 20 -13.08 -25.53 3.64
CA PRO A 20 -14.49 -25.70 4.01
C PRO A 20 -15.54 -26.24 3.03
N LYS A 21 -16.75 -25.70 3.13
CA LYS A 21 -17.84 -26.12 2.26
C LYS A 21 -18.63 -27.28 2.86
N THR A 22 -19.00 -27.14 4.12
CA THR A 22 -19.75 -28.20 4.79
C THR A 22 -18.83 -29.22 5.41
N GLU A 23 -19.30 -29.89 6.45
CA GLU A 23 -18.49 -30.89 7.12
C GLU A 23 -17.33 -30.30 7.90
N THR A 24 -16.45 -29.57 7.20
CA THR A 24 -15.31 -28.95 7.85
C THR A 24 -15.71 -27.93 8.90
N TYR A 25 -17.02 -27.76 9.08
CA TYR A 25 -17.50 -26.81 10.07
C TYR A 25 -18.14 -27.50 11.26
N VAL A 26 -17.38 -28.37 11.91
CA VAL A 26 -17.90 -29.09 13.07
C VAL A 26 -16.82 -29.68 13.93
N GLU A 27 -15.59 -29.73 13.41
CA GLU A 27 -14.47 -30.28 14.16
C GLU A 27 -14.37 -29.72 15.56
N ALA A 28 -14.60 -28.41 15.70
CA ALA A 28 -14.51 -27.78 17.02
C ALA A 28 -15.44 -26.60 17.15
N ASN A 29 -16.72 -26.80 16.82
CA ASN A 29 -17.68 -25.71 16.92
C ASN A 29 -19.02 -26.18 17.47
N MET A 30 -19.15 -27.47 17.70
CA MET A 30 -20.39 -28.01 18.23
C MET A 30 -20.30 -29.45 18.69
N GLY A 31 -19.08 -30.00 18.68
CA GLY A 31 -18.88 -31.38 19.10
C GLY A 31 -17.44 -31.81 19.13
N LEU A 32 -16.83 -31.75 20.31
CA LEU A 32 -15.44 -32.14 20.45
C LEU A 32 -14.49 -30.96 20.26
N ASN A 33 -13.34 -31.23 19.66
CA ASN A 33 -12.36 -30.18 19.44
C ASN A 33 -11.03 -30.49 20.08
N PRO A 34 -10.14 -31.13 19.32
CA PRO A 34 -8.83 -31.48 19.84
C PRO A 34 -8.05 -30.29 20.35
N SER A 35 -7.15 -30.53 21.30
CA SER A 35 -6.36 -29.46 21.87
C SER A 35 -6.97 -28.89 23.14
N SER A 36 -7.36 -27.63 23.10
CA SER A 36 -7.95 -26.98 24.26
C SER A 36 -7.23 -25.71 24.64
N PRO A 37 -6.72 -25.01 23.64
CA PRO A 37 -5.98 -23.77 23.88
C PRO A 37 -6.82 -22.64 24.44
N ASN A 38 -6.29 -21.99 25.48
CA ASN A 38 -6.99 -20.89 26.11
C ASN A 38 -6.42 -19.56 25.62
N ASP A 39 -6.74 -19.21 24.38
CA ASP A 39 -6.25 -17.96 23.82
C ASP A 39 -6.63 -17.84 22.36
N PRO A 40 -7.46 -16.85 22.00
CA PRO A 40 -7.91 -16.63 20.62
C PRO A 40 -6.75 -16.62 19.63
N VAL A 41 -5.62 -16.07 20.06
CA VAL A 41 -4.44 -15.99 19.22
C VAL A 41 -3.92 -17.39 18.90
N THR A 42 -4.06 -18.29 19.88
CA THR A 42 -3.63 -19.68 19.71
C THR A 42 -4.47 -20.39 18.67
N ASN A 43 -5.79 -20.32 18.83
CA ASN A 43 -6.71 -20.96 17.92
C ASN A 43 -6.57 -20.44 16.50
N ILE A 44 -6.22 -19.17 16.38
CA ILE A 44 -6.03 -18.55 15.07
C ILE A 44 -4.72 -19.01 14.43
N CYS A 45 -3.65 -19.05 15.22
CA CYS A 45 -2.35 -19.48 14.72
C CYS A 45 -2.39 -20.93 14.27
N GLN A 46 -3.28 -21.71 14.89
CA GLN A 46 -3.43 -23.12 14.56
C GLN A 46 -4.13 -23.24 13.22
N ALA A 47 -5.11 -22.37 12.99
CA ALA A 47 -5.84 -22.37 11.73
C ALA A 47 -4.88 -21.92 10.62
N ALA A 48 -4.11 -20.88 10.89
CA ALA A 48 -3.16 -20.40 9.89
C ALA A 48 -2.27 -21.55 9.50
N ASP A 49 -1.65 -22.18 10.50
CA ASP A 49 -0.75 -23.31 10.27
C ASP A 49 -1.42 -24.40 9.45
N LYS A 50 -2.67 -24.71 9.76
CA LYS A 50 -3.40 -25.72 9.01
C LYS A 50 -3.62 -25.28 7.56
N GLN A 51 -4.07 -24.05 7.38
CA GLN A 51 -4.35 -23.53 6.04
C GLN A 51 -3.10 -23.32 5.20
N LEU A 52 -1.94 -23.39 5.83
CA LEU A 52 -0.70 -23.24 5.09
C LEU A 52 -0.53 -24.42 4.12
N PHE A 53 -0.92 -25.61 4.57
CA PHE A 53 -0.82 -26.80 3.72
C PHE A 53 -1.79 -26.71 2.57
N THR A 54 -3.04 -26.33 2.86
CA THR A 54 -4.02 -26.22 1.79
C THR A 54 -3.64 -25.10 0.83
N LEU A 55 -2.89 -24.09 1.31
CA LEU A 55 -2.50 -22.97 0.46
C LEU A 55 -1.60 -23.42 -0.68
N VAL A 56 -0.70 -24.35 -0.39
CA VAL A 56 0.21 -24.87 -1.41
C VAL A 56 -0.59 -25.54 -2.52
N GLU A 57 -1.56 -26.37 -2.13
CA GLU A 57 -2.41 -27.08 -3.08
C GLU A 57 -3.21 -26.07 -3.91
N TRP A 58 -3.69 -25.01 -3.27
CA TRP A 58 -4.46 -23.99 -3.98
C TRP A 58 -3.62 -23.34 -5.08
N ALA A 59 -2.39 -22.98 -4.74
CA ALA A 59 -1.50 -22.32 -5.69
C ALA A 59 -1.20 -23.25 -6.87
N LYS A 60 -1.12 -24.54 -6.58
CA LYS A 60 -0.84 -25.49 -7.63
C LYS A 60 -1.95 -25.53 -8.65
N ARG A 61 -3.17 -25.16 -8.23
CA ARG A 61 -4.33 -25.14 -9.12
C ARG A 61 -4.51 -23.81 -9.83
N ILE A 62 -3.65 -22.85 -9.53
CA ILE A 62 -3.74 -21.55 -10.20
C ILE A 62 -2.99 -21.70 -11.53
N PRO A 63 -3.65 -21.41 -12.66
CA PRO A 63 -2.94 -21.55 -13.93
C PRO A 63 -1.57 -20.88 -14.01
N HIS A 64 -0.60 -21.66 -14.46
CA HIS A 64 0.80 -21.26 -14.67
C HIS A 64 1.69 -21.18 -13.45
N PHE A 65 1.14 -21.22 -12.24
CA PHE A 65 1.98 -21.16 -11.06
C PHE A 65 3.01 -22.30 -11.09
N SER A 66 2.51 -23.52 -11.28
CA SER A 66 3.34 -24.72 -11.33
C SER A 66 4.32 -24.78 -12.48
N GLU A 67 4.17 -23.90 -13.47
CA GLU A 67 5.10 -23.90 -14.59
C GLU A 67 6.33 -23.05 -14.29
N LEU A 68 6.28 -22.28 -13.21
CA LEU A 68 7.42 -21.44 -12.81
C LEU A 68 8.47 -22.34 -12.17
N PRO A 69 9.73 -21.89 -12.14
CA PRO A 69 10.78 -22.69 -11.51
C PRO A 69 10.37 -22.98 -10.07
N LEU A 70 10.81 -24.12 -9.54
CA LEU A 70 10.45 -24.51 -8.17
C LEU A 70 10.86 -23.48 -7.12
N ASP A 71 12.03 -22.87 -7.27
CA ASP A 71 12.46 -21.88 -6.30
C ASP A 71 11.63 -20.60 -6.40
N ASP A 72 11.13 -20.30 -7.59
CA ASP A 72 10.29 -19.12 -7.75
C ASP A 72 8.97 -19.29 -7.02
N GLN A 73 8.44 -20.51 -7.05
CA GLN A 73 7.19 -20.81 -6.38
C GLN A 73 7.35 -20.63 -4.88
N VAL A 74 8.47 -21.12 -4.33
CA VAL A 74 8.75 -20.99 -2.90
C VAL A 74 8.70 -19.52 -2.54
N ILE A 75 9.49 -18.74 -3.26
CA ILE A 75 9.55 -17.30 -3.03
C ILE A 75 8.14 -16.68 -3.01
N LEU A 76 7.36 -16.95 -4.06
CA LEU A 76 6.02 -16.39 -4.15
C LEU A 76 5.14 -16.73 -2.95
N LEU A 77 5.23 -17.97 -2.48
CA LEU A 77 4.43 -18.37 -1.34
C LEU A 77 4.95 -17.79 -0.02
N ARG A 78 6.26 -17.75 0.15
CA ARG A 78 6.80 -17.18 1.38
C ARG A 78 6.47 -15.69 1.46
N ALA A 79 6.43 -15.04 0.30
CA ALA A 79 6.14 -13.61 0.24
C ALA A 79 4.64 -13.28 0.36
N GLY A 80 3.76 -14.18 -0.06
CA GLY A 80 2.34 -13.86 0.00
C GLY A 80 1.42 -14.61 0.94
N TRP A 81 1.92 -15.65 1.61
CA TRP A 81 1.08 -16.45 2.47
C TRP A 81 0.14 -15.72 3.45
N ASN A 82 0.64 -14.73 4.22
CA ASN A 82 -0.25 -14.07 5.18
C ASN A 82 -1.40 -13.30 4.55
N GLU A 83 -1.15 -12.57 3.47
CA GLU A 83 -2.23 -11.83 2.82
C GLU A 83 -3.20 -12.84 2.21
N LEU A 84 -2.66 -13.89 1.62
CA LEU A 84 -3.46 -14.93 1.00
C LEU A 84 -4.39 -15.58 2.05
N LEU A 85 -3.84 -15.86 3.23
CA LEU A 85 -4.62 -16.48 4.31
C LEU A 85 -5.64 -15.50 4.89
N ILE A 86 -5.23 -14.24 5.05
CA ILE A 86 -6.12 -13.23 5.59
C ILE A 86 -7.29 -12.99 4.66
N ALA A 87 -7.02 -12.95 3.36
CA ALA A 87 -8.06 -12.76 2.35
C ALA A 87 -9.09 -13.88 2.39
N SER A 88 -8.64 -15.12 2.60
CA SER A 88 -9.52 -16.30 2.66
C SER A 88 -10.48 -16.27 3.83
N PHE A 89 -9.97 -16.13 5.05
CA PHE A 89 -10.85 -16.12 6.20
C PHE A 89 -11.71 -14.85 6.24
N SER A 90 -11.20 -13.73 5.73
CA SER A 90 -12.00 -12.51 5.74
C SER A 90 -13.24 -12.68 4.88
N HIS A 91 -13.06 -13.26 3.70
CA HIS A 91 -14.18 -13.49 2.80
C HIS A 91 -15.11 -14.55 3.39
N ARG A 92 -14.53 -15.57 4.00
CA ARG A 92 -15.32 -16.64 4.60
C ARG A 92 -16.19 -16.05 5.73
N SER A 93 -15.65 -15.06 6.43
CA SER A 93 -16.37 -14.43 7.54
C SER A 93 -17.50 -13.45 7.16
N ILE A 94 -17.90 -13.46 5.90
CA ILE A 94 -19.00 -12.60 5.47
C ILE A 94 -20.30 -13.19 6.01
N ALA A 95 -20.29 -14.51 6.19
CA ALA A 95 -21.46 -15.24 6.69
C ALA A 95 -21.75 -15.00 8.16
N VAL A 96 -20.84 -14.32 8.86
CA VAL A 96 -21.04 -14.07 10.27
C VAL A 96 -20.92 -12.59 10.61
N LYS A 97 -21.54 -12.22 11.74
CA LYS A 97 -21.52 -10.84 12.20
C LYS A 97 -20.44 -10.66 13.26
N ASP A 98 -19.86 -9.46 13.31
CA ASP A 98 -18.80 -9.12 14.26
C ASP A 98 -18.03 -10.34 14.77
N GLY A 99 -17.24 -10.94 13.89
CA GLY A 99 -16.46 -12.11 14.26
C GLY A 99 -15.80 -12.74 13.05
N ILE A 100 -14.94 -13.73 13.30
CA ILE A 100 -14.25 -14.43 12.21
C ILE A 100 -14.39 -15.94 12.26
N LEU A 101 -14.52 -16.56 11.10
CA LEU A 101 -14.66 -18.01 11.00
C LEU A 101 -13.36 -18.61 10.50
N LEU A 102 -12.71 -19.39 11.35
CA LEU A 102 -11.45 -20.04 11.02
C LEU A 102 -11.71 -21.31 10.20
N ALA A 103 -10.69 -21.81 9.54
CA ALA A 103 -10.81 -23.02 8.73
C ALA A 103 -11.08 -24.24 9.60
N THR A 104 -10.72 -24.13 10.88
CA THR A 104 -10.93 -25.20 11.83
C THR A 104 -12.38 -25.26 12.31
N GLY A 105 -13.24 -24.45 11.70
CA GLY A 105 -14.64 -24.44 12.09
C GLY A 105 -14.90 -23.72 13.40
N LEU A 106 -13.89 -23.02 13.90
CA LEU A 106 -14.01 -22.28 15.14
C LEU A 106 -14.43 -20.84 14.84
N HIS A 107 -15.32 -20.29 15.67
CA HIS A 107 -15.81 -18.92 15.50
C HIS A 107 -15.20 -18.03 16.58
N VAL A 108 -14.42 -17.03 16.17
CA VAL A 108 -13.79 -16.10 17.10
C VAL A 108 -14.56 -14.79 17.16
N HIS A 109 -15.15 -14.51 18.32
CA HIS A 109 -15.96 -13.31 18.52
C HIS A 109 -15.13 -12.07 18.83
N ARG A 110 -15.70 -10.92 18.47
CA ARG A 110 -15.08 -9.63 18.68
C ARG A 110 -14.50 -9.41 20.07
N ASN A 111 -15.35 -9.51 21.09
CA ASN A 111 -14.91 -9.29 22.47
C ASN A 111 -13.76 -10.17 22.94
N SER A 112 -13.73 -11.42 22.48
CA SER A 112 -12.64 -12.31 22.85
C SER A 112 -11.34 -11.69 22.36
N ALA A 113 -11.33 -11.28 21.10
CA ALA A 113 -10.15 -10.67 20.50
C ALA A 113 -9.76 -9.40 21.24
N HIS A 114 -10.75 -8.60 21.61
CA HIS A 114 -10.51 -7.35 22.33
C HIS A 114 -9.88 -7.70 23.68
N SER A 115 -10.41 -8.73 24.33
CA SER A 115 -9.89 -9.18 25.61
C SER A 115 -8.48 -9.74 25.48
N ALA A 116 -8.26 -10.54 24.44
CA ALA A 116 -6.95 -11.15 24.20
C ALA A 116 -5.90 -10.06 23.93
N GLY A 117 -6.36 -8.84 23.73
CA GLY A 117 -5.45 -7.74 23.46
C GLY A 117 -5.22 -7.48 21.99
N VAL A 118 -5.85 -8.28 21.12
CA VAL A 118 -5.69 -8.12 19.69
C VAL A 118 -6.86 -7.43 19.03
N GLY A 119 -7.64 -6.68 19.80
CA GLY A 119 -8.74 -5.95 19.22
C GLY A 119 -8.03 -4.95 18.34
N ALA A 120 -8.74 -4.00 17.75
CA ALA A 120 -8.09 -3.00 16.91
C ALA A 120 -7.60 -3.63 15.61
N ILE A 121 -6.66 -4.58 15.69
CA ILE A 121 -6.18 -5.23 14.48
C ILE A 121 -7.32 -6.12 13.98
N PHE A 122 -8.08 -6.64 14.94
CA PHE A 122 -9.23 -7.49 14.66
C PHE A 122 -10.34 -6.61 14.07
N ASP A 123 -10.52 -5.43 14.65
CA ASP A 123 -11.54 -4.51 14.14
C ASP A 123 -11.22 -4.02 12.74
N ARG A 124 -9.92 -3.83 12.44
CA ARG A 124 -9.52 -3.38 11.12
C ARG A 124 -9.87 -4.45 10.09
N VAL A 125 -9.60 -5.71 10.45
CA VAL A 125 -9.92 -6.84 9.58
C VAL A 125 -11.42 -6.83 9.26
N LEU A 126 -12.23 -6.69 10.31
CA LEU A 126 -13.68 -6.66 10.17
C LEU A 126 -14.23 -5.48 9.39
N THR A 127 -13.64 -4.30 9.57
CA THR A 127 -14.13 -3.11 8.87
C THR A 127 -13.51 -2.85 7.51
N GLU A 128 -12.19 -3.01 7.41
CA GLU A 128 -11.50 -2.78 6.15
C GLU A 128 -11.55 -3.96 5.17
N LEU A 129 -11.74 -5.18 5.69
CA LEU A 129 -11.79 -6.36 4.81
C LEU A 129 -13.13 -7.08 4.73
N VAL A 130 -13.58 -7.66 5.84
CA VAL A 130 -14.84 -8.40 5.86
C VAL A 130 -16.07 -7.61 5.42
N SER A 131 -16.29 -6.43 6.00
CA SER A 131 -17.46 -5.63 5.63
C SER A 131 -17.38 -5.10 4.20
N LYS A 132 -16.19 -4.73 3.75
CA LYS A 132 -16.06 -4.25 2.37
C LYS A 132 -16.42 -5.38 1.39
N MET A 133 -16.00 -6.61 1.68
CA MET A 133 -16.30 -7.75 0.81
C MET A 133 -17.80 -8.05 0.82
N ARG A 134 -18.41 -7.90 1.99
CA ARG A 134 -19.84 -8.15 2.14
C ARG A 134 -20.65 -7.10 1.39
N ASP A 135 -20.37 -5.82 1.63
CA ASP A 135 -21.10 -4.75 1.00
C ASP A 135 -21.16 -4.83 -0.51
N MET A 136 -20.01 -5.13 -1.14
CA MET A 136 -20.00 -5.24 -2.59
C MET A 136 -20.28 -6.68 -2.99
N GLN A 137 -20.44 -7.53 -1.98
CA GLN A 137 -20.72 -8.95 -2.19
C GLN A 137 -19.77 -9.55 -3.21
N MET A 138 -18.47 -9.58 -2.91
CA MET A 138 -17.56 -10.17 -3.90
C MET A 138 -17.75 -11.67 -3.90
N ASP A 139 -17.86 -12.24 -5.09
CA ASP A 139 -18.05 -13.68 -5.19
C ASP A 139 -16.71 -14.40 -5.09
N LYS A 140 -16.76 -15.73 -5.10
CA LYS A 140 -15.56 -16.55 -4.97
C LYS A 140 -14.59 -16.48 -6.14
N THR A 141 -15.10 -16.19 -7.33
CA THR A 141 -14.23 -16.05 -8.50
C THR A 141 -13.38 -14.79 -8.31
N GLU A 142 -14.04 -13.69 -7.93
CA GLU A 142 -13.35 -12.42 -7.72
C GLU A 142 -12.30 -12.55 -6.63
N LEU A 143 -12.67 -13.19 -5.53
CA LEU A 143 -11.76 -13.41 -4.42
C LEU A 143 -10.58 -14.19 -4.95
N GLY A 144 -10.87 -15.22 -5.75
CA GLY A 144 -9.84 -16.06 -6.31
C GLY A 144 -8.86 -15.28 -7.17
N CYS A 145 -9.38 -14.36 -7.96
CA CYS A 145 -8.54 -13.54 -8.82
C CYS A 145 -7.68 -12.58 -8.00
N LEU A 146 -8.26 -11.97 -6.97
CA LEU A 146 -7.53 -11.04 -6.13
C LEU A 146 -6.36 -11.76 -5.46
N ARG A 147 -6.62 -12.97 -4.97
CA ARG A 147 -5.59 -13.76 -4.32
C ARG A 147 -4.50 -14.15 -5.32
N ALA A 148 -4.88 -14.45 -6.56
CA ALA A 148 -3.91 -14.82 -7.58
C ALA A 148 -3.03 -13.60 -7.89
N ILE A 149 -3.63 -12.41 -7.83
CA ILE A 149 -2.90 -11.17 -8.09
C ILE A 149 -1.86 -11.01 -6.98
N VAL A 150 -2.24 -11.35 -5.75
CA VAL A 150 -1.32 -11.27 -4.61
C VAL A 150 -0.19 -12.27 -4.78
N LEU A 151 -0.54 -13.51 -5.14
CA LEU A 151 0.43 -14.59 -5.35
C LEU A 151 1.51 -14.18 -6.33
N PHE A 152 1.07 -13.63 -7.46
CA PHE A 152 1.97 -13.20 -8.52
C PHE A 152 2.58 -11.82 -8.28
N ASN A 153 3.41 -11.72 -7.25
CA ASN A 153 4.07 -10.48 -6.89
C ASN A 153 5.48 -10.44 -7.48
N PRO A 154 5.66 -9.66 -8.55
CA PRO A 154 6.98 -9.56 -9.21
C PRO A 154 8.07 -8.88 -8.37
N ASP A 155 7.70 -8.29 -7.24
CA ASP A 155 8.67 -7.61 -6.40
C ASP A 155 9.30 -8.51 -5.34
N SER A 156 8.85 -9.75 -5.25
CA SER A 156 9.42 -10.67 -4.27
C SER A 156 10.91 -10.79 -4.53
N LYS A 157 11.70 -10.70 -3.47
CA LYS A 157 13.16 -10.78 -3.58
C LYS A 157 13.64 -12.16 -4.04
N GLY A 158 14.51 -12.20 -5.06
CA GLY A 158 15.05 -13.46 -5.52
C GLY A 158 14.48 -14.10 -6.77
N LEU A 159 13.32 -13.63 -7.24
CA LEU A 159 12.72 -14.21 -8.43
C LEU A 159 13.69 -14.32 -9.58
N SER A 160 13.64 -15.46 -10.28
CA SER A 160 14.52 -15.69 -11.42
C SER A 160 14.08 -14.83 -12.59
N ASN A 161 12.78 -14.66 -12.77
CA ASN A 161 12.28 -13.84 -13.86
C ASN A 161 11.09 -12.98 -13.39
N PRO A 162 11.37 -11.81 -12.82
CA PRO A 162 10.33 -10.89 -12.33
C PRO A 162 9.26 -10.53 -13.37
N ALA A 163 9.68 -10.25 -14.60
CA ALA A 163 8.74 -9.88 -15.65
C ALA A 163 7.78 -11.01 -15.99
N GLU A 164 8.27 -12.25 -15.94
CA GLU A 164 7.41 -13.39 -16.22
C GLU A 164 6.30 -13.37 -15.18
N VAL A 165 6.66 -13.03 -13.95
CA VAL A 165 5.66 -12.97 -12.88
C VAL A 165 4.71 -11.79 -13.11
N GLU A 166 5.27 -10.63 -13.48
CA GLU A 166 4.43 -9.48 -13.75
C GLU A 166 3.43 -9.80 -14.86
N ALA A 167 3.90 -10.48 -15.90
CA ALA A 167 3.02 -10.85 -17.01
C ALA A 167 1.86 -11.72 -16.51
N LEU A 168 2.15 -12.69 -15.64
CA LEU A 168 1.08 -13.54 -15.11
C LEU A 168 0.07 -12.70 -14.31
N ARG A 169 0.57 -11.76 -13.51
CA ARG A 169 -0.32 -10.90 -12.73
C ARG A 169 -1.20 -10.08 -13.68
N GLU A 170 -0.63 -9.62 -14.79
CA GLU A 170 -1.40 -8.83 -15.75
C GLU A 170 -2.47 -9.65 -16.46
N LYS A 171 -2.20 -10.93 -16.66
CA LYS A 171 -3.17 -11.82 -17.29
C LYS A 171 -4.37 -11.95 -16.33
N VAL A 172 -4.11 -11.93 -15.03
CA VAL A 172 -5.20 -12.00 -14.06
C VAL A 172 -5.97 -10.67 -14.13
N TYR A 173 -5.27 -9.56 -14.29
CA TYR A 173 -5.95 -8.26 -14.41
C TYR A 173 -6.95 -8.32 -15.56
N ALA A 174 -6.50 -8.84 -16.70
CA ALA A 174 -7.34 -8.93 -17.88
C ALA A 174 -8.52 -9.87 -17.70
N SER A 175 -8.27 -11.08 -17.18
CA SER A 175 -9.34 -12.03 -16.97
C SER A 175 -10.38 -11.56 -15.97
N LEU A 176 -9.92 -10.88 -14.91
CA LEU A 176 -10.85 -10.39 -13.90
C LEU A 176 -11.71 -9.27 -14.44
N GLU A 177 -11.08 -8.34 -15.14
CA GLU A 177 -11.82 -7.21 -15.72
C GLU A 177 -12.90 -7.76 -16.65
N ALA A 178 -12.49 -8.65 -17.56
CA ALA A 178 -13.43 -9.25 -18.48
C ALA A 178 -14.54 -9.92 -17.69
N TYR A 179 -14.19 -10.62 -16.61
CA TYR A 179 -15.19 -11.29 -15.80
C TYR A 179 -16.21 -10.31 -15.22
N CYS A 180 -15.73 -9.18 -14.69
CA CYS A 180 -16.62 -8.17 -14.14
C CYS A 180 -17.57 -7.58 -15.17
N LYS A 181 -17.05 -7.27 -16.35
CA LYS A 181 -17.88 -6.71 -17.42
C LYS A 181 -18.94 -7.68 -17.92
N HIS A 182 -18.65 -8.98 -17.90
CA HIS A 182 -19.61 -9.97 -18.35
C HIS A 182 -20.63 -10.31 -17.26
N LYS A 183 -20.16 -10.41 -16.01
CA LYS A 183 -21.04 -10.77 -14.91
C LYS A 183 -21.74 -9.58 -14.25
N TYR A 184 -21.05 -8.45 -14.13
CA TYR A 184 -21.63 -7.26 -13.50
C TYR A 184 -21.61 -6.05 -14.43
N PRO A 185 -22.25 -6.17 -15.60
CA PRO A 185 -22.25 -5.03 -16.51
C PRO A 185 -22.91 -3.78 -15.91
N GLU A 186 -23.80 -3.99 -14.96
CA GLU A 186 -24.50 -2.88 -14.32
C GLU A 186 -23.56 -1.96 -13.55
N GLN A 187 -22.41 -2.49 -13.16
CA GLN A 187 -21.43 -1.70 -12.40
C GLN A 187 -20.06 -1.55 -13.06
N PRO A 188 -19.89 -0.46 -13.83
CA PRO A 188 -18.65 -0.14 -14.54
C PRO A 188 -17.43 -0.08 -13.65
N GLY A 189 -17.63 0.41 -12.42
CA GLY A 189 -16.51 0.53 -11.50
C GLY A 189 -16.25 -0.63 -10.55
N ARG A 190 -16.77 -1.81 -10.83
CA ARG A 190 -16.55 -2.94 -9.93
C ARG A 190 -15.09 -3.45 -9.98
N PHE A 191 -14.50 -3.48 -11.17
CA PHE A 191 -13.13 -3.93 -11.36
C PHE A 191 -12.19 -3.13 -10.44
N ALA A 192 -12.24 -1.80 -10.56
CA ALA A 192 -11.41 -0.94 -9.74
C ALA A 192 -11.67 -1.14 -8.24
N LYS A 193 -12.95 -1.25 -7.86
CA LYS A 193 -13.32 -1.47 -6.47
C LYS A 193 -12.72 -2.78 -5.94
N LEU A 194 -12.58 -3.76 -6.82
CA LEU A 194 -12.01 -5.05 -6.44
C LEU A 194 -10.52 -4.84 -6.20
N LEU A 195 -9.85 -4.16 -7.11
CA LEU A 195 -8.43 -3.92 -6.98
C LEU A 195 -8.11 -3.02 -5.77
N LEU A 196 -9.06 -2.18 -5.38
CA LEU A 196 -8.82 -1.29 -4.24
C LEU A 196 -9.11 -1.95 -2.90
N ARG A 197 -9.31 -3.26 -2.94
CA ARG A 197 -9.48 -4.02 -1.71
C ARG A 197 -8.06 -4.43 -1.26
N LEU A 198 -7.12 -4.42 -2.19
CA LEU A 198 -5.74 -4.82 -1.92
C LEU A 198 -4.90 -3.92 -1.02
N PRO A 199 -5.09 -2.59 -1.10
CA PRO A 199 -4.29 -1.72 -0.22
C PRO A 199 -4.50 -2.04 1.26
N ALA A 200 -5.73 -2.34 1.65
CA ALA A 200 -6.01 -2.66 3.05
C ALA A 200 -5.51 -4.06 3.36
N LEU A 201 -5.53 -4.95 2.37
CA LEU A 201 -5.06 -6.31 2.61
C LEU A 201 -3.59 -6.25 2.96
N ARG A 202 -2.83 -5.44 2.23
CA ARG A 202 -1.42 -5.29 2.48
C ARG A 202 -1.11 -4.63 3.85
N SER A 203 -1.75 -3.51 4.17
CA SER A 203 -1.44 -2.86 5.44
C SER A 203 -1.85 -3.72 6.65
N ILE A 204 -2.98 -4.40 6.55
CA ILE A 204 -3.42 -5.26 7.62
C ILE A 204 -2.46 -6.46 7.73
N GLY A 205 -2.01 -6.97 6.59
CA GLY A 205 -1.08 -8.09 6.60
C GLY A 205 0.25 -7.74 7.25
N LEU A 206 0.77 -6.55 6.94
CA LEU A 206 2.03 -6.08 7.50
C LEU A 206 1.89 -5.93 9.02
N LYS A 207 0.77 -5.37 9.47
CA LYS A 207 0.58 -5.19 10.90
C LYS A 207 0.49 -6.56 11.56
N CYS A 208 -0.18 -7.49 10.89
CA CYS A 208 -0.31 -8.85 11.41
C CYS A 208 1.05 -9.50 11.57
N LEU A 209 1.89 -9.40 10.56
CA LEU A 209 3.23 -9.95 10.64
C LEU A 209 3.94 -9.33 11.83
N GLU A 210 3.66 -8.05 12.07
CA GLU A 210 4.30 -7.35 13.16
C GLU A 210 3.91 -8.00 14.49
N HIS A 211 2.66 -8.46 14.58
CA HIS A 211 2.20 -9.11 15.79
C HIS A 211 2.87 -10.47 15.93
N LEU A 212 2.81 -11.28 14.87
CA LEU A 212 3.42 -12.60 14.89
C LEU A 212 4.86 -12.57 15.36
N PHE A 213 5.60 -11.56 14.90
CA PHE A 213 7.00 -11.43 15.30
C PHE A 213 7.15 -10.94 16.74
N PHE A 214 6.06 -10.99 17.49
CA PHE A 214 6.06 -10.61 18.89
C PHE A 214 5.56 -11.81 19.69
N PHE A 215 4.65 -12.56 19.10
CA PHE A 215 4.10 -13.77 19.72
C PHE A 215 5.15 -14.87 19.56
N LYS A 216 6.30 -14.50 19.02
CA LYS A 216 7.40 -15.43 18.79
C LYS A 216 8.59 -15.03 19.66
N LEU A 217 9.00 -13.77 19.56
CA LEU A 217 10.12 -13.26 20.34
C LEU A 217 9.70 -13.10 21.80
N ILE A 218 8.91 -14.05 22.29
CA ILE A 218 8.43 -14.07 23.66
C ILE A 218 8.04 -15.51 23.95
N GLY A 219 7.73 -16.24 22.89
CA GLY A 219 7.36 -17.63 23.01
C GLY A 219 6.26 -17.93 24.00
N ASP A 220 6.58 -18.73 25.00
CA ASP A 220 5.63 -19.14 26.02
C ASP A 220 4.57 -19.98 25.31
N THR A 221 4.74 -21.30 25.34
CA THR A 221 3.86 -22.24 24.67
C THR A 221 3.87 -21.86 23.18
N PRO A 222 4.91 -22.31 22.46
CA PRO A 222 5.13 -22.05 21.03
C PRO A 222 3.93 -22.28 20.12
N ILE A 223 4.16 -22.13 18.83
CA ILE A 223 3.11 -22.33 17.83
C ILE A 223 3.38 -23.61 17.04
N ASP A 224 2.79 -23.70 15.84
CA ASP A 224 2.93 -24.88 15.00
C ASP A 224 4.04 -24.78 13.95
N THR A 225 4.60 -25.94 13.61
CA THR A 225 5.63 -26.03 12.59
C THR A 225 4.99 -25.60 11.28
N PHE A 226 5.78 -24.96 10.42
CA PHE A 226 5.31 -24.45 9.12
C PHE A 226 4.98 -22.97 9.29
N LEU A 227 4.00 -22.66 10.14
CA LEU A 227 3.68 -21.27 10.40
C LEU A 227 4.95 -20.67 10.95
N MET A 228 5.64 -21.46 11.77
CA MET A 228 6.88 -21.03 12.37
C MET A 228 7.98 -20.96 11.30
N GLU A 229 7.88 -21.83 10.30
CA GLU A 229 8.87 -21.84 9.22
C GLU A 229 8.70 -20.63 8.32
N MET A 230 7.46 -20.23 8.08
CA MET A 230 7.18 -19.07 7.24
C MET A 230 7.60 -17.82 7.98
N LEU A 231 7.53 -17.87 9.30
CA LEU A 231 7.88 -16.75 10.16
C LEU A 231 9.38 -16.54 10.33
N GLU A 232 10.20 -17.32 9.63
CA GLU A 232 11.65 -17.17 9.75
C GLU A 232 12.09 -15.97 8.91
N ALA A 233 11.11 -15.19 8.47
CA ALA A 233 11.34 -13.98 7.66
C ALA A 233 11.75 -14.21 6.21
N PRO A 234 11.24 -13.38 5.29
CA PRO A 234 11.54 -13.48 3.85
C PRO A 234 12.84 -12.74 3.51
N PRO B 12 -21.59 8.43 -14.95
CA PRO B 12 -21.42 9.83 -15.47
C PRO B 12 -21.08 9.81 -16.95
N GLU B 13 -21.42 10.90 -17.64
CA GLU B 13 -21.16 11.06 -19.07
C GLU B 13 -19.70 11.48 -19.26
N SER B 14 -19.12 11.12 -20.40
CA SER B 14 -17.73 11.45 -20.71
C SER B 14 -17.39 12.92 -20.50
N ALA B 15 -18.29 13.80 -20.93
CA ALA B 15 -18.08 15.24 -20.79
C ALA B 15 -17.86 15.60 -19.32
N ASP B 16 -18.66 15.01 -18.45
CA ASP B 16 -18.53 15.25 -17.02
C ASP B 16 -17.19 14.75 -16.50
N LEU B 17 -16.76 13.59 -17.01
CA LEU B 17 -15.49 13.00 -16.60
C LEU B 17 -14.32 13.85 -17.10
N ARG B 18 -14.50 14.45 -18.27
CA ARG B 18 -13.46 15.30 -18.85
C ARG B 18 -13.41 16.61 -18.09
N ALA B 19 -14.57 17.14 -17.70
CA ALA B 19 -14.62 18.38 -16.95
C ALA B 19 -13.92 18.17 -15.61
N LEU B 20 -14.22 17.04 -14.97
CA LEU B 20 -13.61 16.71 -13.69
C LEU B 20 -12.10 16.67 -13.81
N ALA B 21 -11.60 15.94 -14.82
CA ALA B 21 -10.17 15.80 -15.03
C ALA B 21 -9.47 17.11 -15.33
N LYS B 22 -10.15 17.99 -16.05
CA LYS B 22 -9.59 19.30 -16.40
C LYS B 22 -9.58 20.15 -15.13
N HIS B 23 -10.66 20.08 -14.35
CA HIS B 23 -10.75 20.84 -13.11
C HIS B 23 -9.60 20.49 -12.17
N LEU B 24 -9.37 19.19 -12.00
CA LEU B 24 -8.31 18.70 -11.12
C LEU B 24 -6.95 19.14 -11.63
N TYR B 25 -6.75 19.08 -12.95
CA TYR B 25 -5.46 19.47 -13.52
C TYR B 25 -5.17 20.93 -13.22
N ASP B 26 -6.18 21.78 -13.36
CA ASP B 26 -5.99 23.20 -13.08
C ASP B 26 -5.67 23.49 -11.61
N SER B 27 -6.45 22.91 -10.70
CA SER B 27 -6.20 23.14 -9.28
C SER B 27 -4.88 22.50 -8.85
N TYR B 28 -4.45 21.48 -9.59
CA TYR B 28 -3.19 20.78 -9.32
C TYR B 28 -2.04 21.73 -9.64
N ILE B 29 -2.08 22.31 -10.84
CA ILE B 29 -1.05 23.24 -11.27
C ILE B 29 -0.96 24.42 -10.29
N LYS B 30 -2.08 24.75 -9.69
CA LYS B 30 -2.18 25.85 -8.73
C LYS B 30 -1.82 25.52 -7.28
N SER B 31 -1.74 24.23 -6.96
CA SER B 31 -1.42 23.84 -5.60
C SER B 31 0.07 23.47 -5.47
N PHE B 32 0.56 22.76 -6.48
CA PHE B 32 1.93 22.30 -6.50
C PHE B 32 2.82 23.11 -7.43
N PRO B 33 3.72 23.93 -6.85
CA PRO B 33 4.64 24.74 -7.64
C PRO B 33 5.49 23.89 -8.57
N LEU B 34 6.16 22.87 -8.04
CA LEU B 34 7.01 22.00 -8.86
C LEU B 34 6.23 20.82 -9.42
N THR B 35 5.99 20.84 -10.72
CA THR B 35 5.25 19.77 -11.41
C THR B 35 6.26 18.72 -11.89
N LYS B 36 5.77 17.58 -12.36
CA LYS B 36 6.68 16.56 -12.86
C LYS B 36 7.39 17.08 -14.11
N ALA B 37 6.62 17.66 -15.02
CA ALA B 37 7.13 18.23 -16.26
C ALA B 37 8.33 19.13 -16.02
N LYS B 38 8.24 19.97 -14.99
CA LYS B 38 9.33 20.88 -14.65
C LYS B 38 10.49 20.13 -14.05
N ALA B 39 10.17 19.04 -13.35
CA ALA B 39 11.19 18.22 -12.72
C ALA B 39 12.00 17.44 -13.76
N ARG B 40 11.31 16.77 -14.68
CA ARG B 40 12.01 15.99 -15.69
C ARG B 40 12.82 16.91 -16.60
N ALA B 41 12.29 18.09 -16.87
CA ALA B 41 12.99 19.05 -17.72
C ALA B 41 14.35 19.37 -17.09
N ILE B 42 14.38 19.44 -15.77
CA ILE B 42 15.61 19.72 -15.05
C ILE B 42 16.53 18.49 -15.02
N LEU B 43 15.98 17.32 -14.74
CA LEU B 43 16.77 16.08 -14.70
C LEU B 43 17.43 15.78 -16.05
N THR B 44 16.67 15.91 -17.12
CA THR B 44 17.15 15.64 -18.47
C THR B 44 17.98 16.79 -19.03
N GLY B 45 18.09 17.87 -18.25
CA GLY B 45 18.86 19.02 -18.66
C GLY B 45 18.36 19.64 -19.96
N LYS B 46 17.06 19.89 -20.03
CA LYS B 46 16.47 20.49 -21.21
C LYS B 46 15.67 21.72 -20.80
N THR B 47 16.25 22.49 -19.90
CA THR B 47 15.64 23.71 -19.39
C THR B 47 16.74 24.67 -18.97
N THR B 48 17.02 25.66 -19.81
CA THR B 48 18.05 26.65 -19.54
C THR B 48 17.70 27.61 -18.41
N ASP B 49 18.49 27.52 -17.34
CA ASP B 49 18.35 28.37 -16.16
C ASP B 49 19.07 27.70 -15.00
N LYS B 50 20.36 27.45 -15.21
CA LYS B 50 21.25 26.83 -14.22
C LYS B 50 20.91 25.38 -13.92
N SER B 51 21.89 24.50 -14.15
CA SER B 51 21.74 23.07 -13.89
C SER B 51 21.99 22.81 -12.39
N PRO B 52 21.41 21.72 -11.84
CA PRO B 52 21.55 21.36 -10.43
C PRO B 52 22.91 20.78 -10.02
N PHE B 53 23.34 21.12 -8.80
CA PHE B 53 24.62 20.63 -8.31
C PHE B 53 24.50 19.19 -7.79
N VAL B 54 25.45 18.35 -8.22
CA VAL B 54 25.42 16.95 -7.83
C VAL B 54 26.14 16.63 -6.52
N ILE B 55 25.35 16.32 -5.49
CA ILE B 55 25.87 15.96 -4.18
C ILE B 55 25.79 14.45 -4.16
N TYR B 56 26.92 13.77 -3.99
CA TYR B 56 26.87 12.32 -4.05
C TYR B 56 27.79 11.66 -3.01
N ASP B 57 28.54 12.46 -2.27
CA ASP B 57 29.42 11.93 -1.23
C ASP B 57 29.89 13.05 -0.33
N MET B 58 30.41 12.70 0.84
CA MET B 58 30.87 13.65 1.83
C MET B 58 31.59 14.90 1.31
N ASN B 59 32.64 14.68 0.52
CA ASN B 59 33.43 15.76 -0.05
C ASN B 59 32.66 16.62 -1.06
N SER B 60 31.70 16.02 -1.77
CA SER B 60 30.92 16.80 -2.73
C SER B 60 29.85 17.59 -1.99
N LEU B 61 29.29 17.01 -0.94
CA LEU B 61 28.28 17.72 -0.17
C LEU B 61 28.91 18.93 0.48
N MET B 62 30.15 18.78 0.95
CA MET B 62 30.83 19.89 1.58
C MET B 62 30.92 21.05 0.61
N MET B 63 31.23 20.73 -0.64
CA MET B 63 31.34 21.74 -1.69
C MET B 63 29.96 22.28 -2.07
N GLY B 64 28.95 21.47 -1.82
CA GLY B 64 27.60 21.81 -2.18
C GLY B 64 26.74 22.85 -1.46
N GLU B 65 27.31 23.67 -0.59
CA GLU B 65 26.55 24.70 0.13
C GLU B 65 25.27 25.18 -0.58
N ASP B 66 24.32 24.27 -0.72
CA ASP B 66 23.03 24.53 -1.37
C ASP B 66 22.03 24.03 -0.33
N LYS B 67 22.61 23.69 0.82
CA LYS B 67 21.85 23.20 1.94
C LYS B 67 22.50 23.77 3.17
N ILE B 68 21.97 24.90 3.61
CA ILE B 68 22.42 25.58 4.82
C ILE B 68 23.61 26.58 4.71
N LYS B 69 23.82 27.18 3.53
CA LYS B 69 24.95 28.11 3.42
C LYS B 69 24.86 29.38 2.54
N PHE B 70 25.81 29.51 1.61
CA PHE B 70 25.91 30.69 0.75
C PHE B 70 24.63 31.34 0.19
N LYS B 71 23.62 30.55 -0.10
CA LYS B 71 22.37 31.09 -0.62
C LYS B 71 21.63 31.75 0.53
N HIS B 72 20.38 31.38 0.71
CA HIS B 72 19.55 31.90 1.79
C HIS B 72 19.32 30.75 2.76
N ILE B 73 19.85 30.89 3.97
CA ILE B 73 19.72 29.87 5.00
C ILE B 73 18.27 29.42 5.23
N THR B 74 17.83 28.44 4.45
CA THR B 74 16.48 27.90 4.54
C THR B 74 16.54 26.38 4.81
N PRO B 75 17.33 25.62 4.01
CA PRO B 75 17.46 24.17 4.19
C PRO B 75 17.79 23.96 5.66
N LEU B 76 17.14 22.99 6.30
CA LEU B 76 17.32 22.76 7.73
C LEU B 76 18.29 21.70 8.31
N GLN B 77 19.22 22.26 9.10
CA GLN B 77 20.33 21.65 9.83
C GLN B 77 21.58 22.03 9.02
N GLU B 78 22.76 22.00 9.64
CA GLU B 78 24.00 22.34 8.93
C GLU B 78 25.14 21.66 9.64
N GLN B 79 25.37 20.39 9.33
CA GLN B 79 26.42 19.64 9.99
C GLN B 79 26.03 19.74 11.47
N SER B 80 26.65 20.65 12.20
CA SER B 80 26.39 20.87 13.62
C SER B 80 26.19 19.59 14.44
N LYS B 81 25.37 18.68 13.92
CA LYS B 81 25.12 17.37 14.52
C LYS B 81 25.01 16.28 13.45
N GLU B 82 25.97 16.25 12.54
CA GLU B 82 26.03 15.26 11.46
C GLU B 82 25.16 15.43 10.22
N VAL B 83 25.67 14.87 9.14
CA VAL B 83 25.03 14.91 7.83
C VAL B 83 23.67 14.21 7.87
N ALA B 84 23.56 13.13 8.62
CA ALA B 84 22.30 12.38 8.69
C ALA B 84 21.13 13.20 9.25
N ILE B 85 21.33 13.85 10.39
CA ILE B 85 20.27 14.67 11.00
C ILE B 85 19.83 15.72 9.99
N ARG B 86 20.80 16.19 9.21
CA ARG B 86 20.63 17.18 8.15
C ARG B 86 19.48 16.81 7.25
N ILE B 87 19.77 15.79 6.45
CA ILE B 87 18.88 15.25 5.46
C ILE B 87 17.52 14.95 6.08
N PHE B 88 17.56 14.36 7.27
CA PHE B 88 16.35 14.00 7.98
C PHE B 88 15.47 15.22 8.17
N GLN B 89 16.06 16.32 8.61
CA GLN B 89 15.27 17.51 8.82
C GLN B 89 14.85 18.11 7.49
N GLY B 90 15.70 18.03 6.48
CA GLY B 90 15.36 18.56 5.18
C GLY B 90 14.10 17.95 4.59
N CYS B 91 13.97 16.64 4.73
CA CYS B 91 12.80 15.94 4.22
C CYS B 91 11.57 16.29 5.05
N GLN B 92 11.83 16.47 6.34
CA GLN B 92 10.74 16.82 7.27
C GLN B 92 10.14 18.12 6.78
N PHE B 93 10.99 19.08 6.41
CA PHE B 93 10.55 20.37 5.93
C PHE B 93 9.82 20.25 4.58
N ARG B 94 10.32 19.41 3.69
CA ARG B 94 9.71 19.24 2.40
C ARG B 94 8.34 18.58 2.58
N SER B 95 8.26 17.76 3.62
CA SER B 95 7.05 17.03 3.95
C SER B 95 5.98 18.03 4.42
N VAL B 96 6.40 19.00 5.24
CA VAL B 96 5.49 20.01 5.76
C VAL B 96 4.92 20.92 4.68
N GLU B 97 5.71 21.22 3.66
CA GLU B 97 5.22 22.08 2.59
C GLU B 97 4.21 21.31 1.74
N ALA B 98 4.45 20.01 1.55
CA ALA B 98 3.54 19.20 0.76
C ALA B 98 2.18 19.07 1.46
N VAL B 99 2.19 18.85 2.77
CA VAL B 99 0.93 18.72 3.50
C VAL B 99 0.03 19.93 3.29
N GLN B 100 0.62 21.13 3.32
CA GLN B 100 -0.12 22.36 3.11
C GLN B 100 -0.65 22.47 1.67
N GLU B 101 0.18 22.04 0.71
CA GLU B 101 -0.20 22.07 -0.69
C GLU B 101 -1.30 21.03 -0.94
N ILE B 102 -1.09 19.82 -0.43
CA ILE B 102 -2.07 18.75 -0.59
C ILE B 102 -3.40 19.13 0.06
N THR B 103 -3.30 19.76 1.23
CA THR B 103 -4.49 20.20 1.95
C THR B 103 -5.28 21.16 1.07
N GLU B 104 -4.58 22.11 0.45
CA GLU B 104 -5.28 23.06 -0.41
C GLU B 104 -5.87 22.35 -1.63
N TYR B 105 -5.07 21.51 -2.27
CA TYR B 105 -5.52 20.77 -3.44
C TYR B 105 -6.78 19.97 -3.14
N ALA B 106 -6.81 19.33 -1.96
CA ALA B 106 -7.96 18.52 -1.55
C ALA B 106 -9.25 19.33 -1.46
N LYS B 107 -9.13 20.59 -1.07
CA LYS B 107 -10.30 21.44 -0.95
C LYS B 107 -10.90 21.77 -2.31
N SER B 108 -10.18 21.44 -3.37
CA SER B 108 -10.69 21.70 -4.71
C SER B 108 -11.41 20.48 -5.29
N ILE B 109 -11.28 19.32 -4.63
CA ILE B 109 -11.95 18.12 -5.14
C ILE B 109 -13.46 18.25 -4.88
N PRO B 110 -14.27 18.24 -5.94
CA PRO B 110 -15.72 18.37 -5.80
C PRO B 110 -16.30 17.43 -4.74
N GLY B 111 -16.90 18.01 -3.70
CA GLY B 111 -17.51 17.20 -2.65
C GLY B 111 -16.72 17.06 -1.37
N PHE B 112 -15.41 17.31 -1.43
CA PHE B 112 -14.55 17.16 -0.26
C PHE B 112 -14.87 18.05 0.94
N VAL B 113 -15.06 19.34 0.70
CA VAL B 113 -15.35 20.25 1.80
C VAL B 113 -16.76 20.07 2.35
N ASN B 114 -17.56 19.26 1.64
CA ASN B 114 -18.94 18.98 2.07
C ASN B 114 -19.02 17.76 2.98
N LEU B 115 -17.88 17.07 3.15
CA LEU B 115 -17.83 15.89 4.00
C LEU B 115 -17.65 16.28 5.46
N ASP B 116 -18.01 15.37 6.35
CA ASP B 116 -17.85 15.62 7.77
C ASP B 116 -16.41 16.11 7.97
N LEU B 117 -16.23 17.19 8.71
CA LEU B 117 -14.90 17.74 8.94
C LEU B 117 -13.92 16.69 9.49
N ASN B 118 -14.40 15.85 10.40
CA ASN B 118 -13.59 14.80 11.00
C ASN B 118 -13.05 13.84 9.95
N ASP B 119 -13.89 13.52 8.96
CA ASP B 119 -13.47 12.62 7.89
C ASP B 119 -12.47 13.32 6.97
N GLN B 120 -12.67 14.61 6.76
CA GLN B 120 -11.73 15.38 5.94
C GLN B 120 -10.35 15.23 6.55
N VAL B 121 -10.28 15.44 7.85
CA VAL B 121 -9.05 15.33 8.60
C VAL B 121 -8.44 13.94 8.50
N THR B 122 -9.26 12.91 8.66
CA THR B 122 -8.78 11.54 8.57
C THR B 122 -8.20 11.23 7.19
N LEU B 123 -8.90 11.63 6.14
CA LEU B 123 -8.44 11.36 4.78
C LEU B 123 -7.08 11.98 4.50
N LEU B 124 -6.86 13.19 5.01
CA LEU B 124 -5.60 13.89 4.82
C LEU B 124 -4.53 13.21 5.67
N LYS B 125 -4.89 12.86 6.90
CA LYS B 125 -3.96 12.22 7.81
C LYS B 125 -3.34 10.97 7.16
N TYR B 126 -4.17 10.13 6.56
CA TYR B 126 -3.68 8.92 5.93
C TYR B 126 -3.21 9.08 4.48
N GLY B 127 -3.77 10.03 3.76
CA GLY B 127 -3.38 10.19 2.36
C GLY B 127 -2.10 10.95 2.11
N VAL B 128 -1.82 11.93 2.95
CA VAL B 128 -0.65 12.76 2.79
C VAL B 128 0.69 12.09 2.41
N HIS B 129 1.16 11.09 3.16
CA HIS B 129 2.44 10.48 2.80
C HIS B 129 2.42 9.63 1.52
N GLU B 130 1.28 9.02 1.24
CA GLU B 130 1.17 8.22 0.04
C GLU B 130 1.36 9.16 -1.15
N ILE B 131 0.80 10.36 -1.04
CA ILE B 131 0.92 11.38 -2.06
C ILE B 131 2.34 11.97 -2.12
N ILE B 132 2.96 12.16 -0.97
CA ILE B 132 4.32 12.71 -0.95
C ILE B 132 5.27 11.77 -1.69
N TYR B 133 5.12 10.47 -1.48
CA TYR B 133 6.00 9.50 -2.13
C TYR B 133 5.65 9.39 -3.61
N THR B 134 4.38 9.58 -3.92
CA THR B 134 3.96 9.53 -5.32
C THR B 134 4.67 10.67 -6.04
N MET B 135 4.56 11.87 -5.49
CA MET B 135 5.18 13.02 -6.12
C MET B 135 6.70 13.01 -6.03
N LEU B 136 7.24 12.37 -5.00
CA LEU B 136 8.70 12.24 -4.83
C LEU B 136 9.29 11.49 -6.05
N ALA B 137 8.53 10.52 -6.56
CA ALA B 137 8.97 9.74 -7.72
C ALA B 137 9.27 10.65 -8.90
N SER B 138 8.52 11.75 -9.01
CA SER B 138 8.73 12.70 -10.10
C SER B 138 10.11 13.37 -10.03
N LEU B 139 10.65 13.48 -8.81
CA LEU B 139 11.95 14.10 -8.63
C LEU B 139 13.09 13.10 -8.70
N MET B 140 12.77 11.84 -8.97
CA MET B 140 13.80 10.82 -9.01
C MET B 140 14.04 10.18 -10.37
N ASN B 141 15.16 9.46 -10.45
CA ASN B 141 15.55 8.68 -11.62
C ASN B 141 16.38 7.59 -11.00
N LYS B 142 16.78 6.59 -11.77
CA LYS B 142 17.57 5.47 -11.24
C LYS B 142 18.81 5.84 -10.42
N ASP B 143 19.39 7.01 -10.67
CA ASP B 143 20.60 7.43 -9.98
C ASP B 143 20.48 8.38 -8.77
N GLY B 144 19.38 9.13 -8.66
CA GLY B 144 19.27 10.03 -7.53
C GLY B 144 18.02 10.88 -7.52
N VAL B 145 17.94 11.78 -6.55
CA VAL B 145 16.76 12.64 -6.42
C VAL B 145 17.07 14.14 -6.38
N LEU B 146 16.20 14.95 -6.99
CA LEU B 146 16.37 16.40 -6.97
C LEU B 146 16.02 16.90 -5.57
N ILE B 147 16.76 17.91 -5.11
CA ILE B 147 16.51 18.49 -3.79
C ILE B 147 16.57 20.01 -3.86
N SER B 148 15.67 20.69 -3.14
CA SER B 148 15.59 22.15 -3.09
C SER B 148 14.98 22.83 -4.34
N GLU B 149 13.67 22.71 -4.52
CA GLU B 149 12.99 23.32 -5.66
C GLU B 149 13.65 22.91 -6.99
N GLY B 150 14.57 21.97 -6.92
CA GLY B 150 15.26 21.48 -8.10
C GLY B 150 16.68 22.03 -8.16
N GLN B 151 17.02 22.83 -7.16
CA GLN B 151 18.32 23.47 -7.08
C GLN B 151 19.50 22.52 -6.83
N GLY B 152 19.23 21.23 -6.61
CA GLY B 152 20.31 20.27 -6.35
C GLY B 152 19.98 18.83 -6.73
N PHE B 153 20.92 17.90 -6.50
CA PHE B 153 20.70 16.49 -6.83
C PHE B 153 21.51 15.51 -5.98
N MET B 154 20.85 14.80 -5.08
CA MET B 154 21.54 13.84 -4.21
C MET B 154 21.47 12.43 -4.80
N THR B 155 22.62 11.77 -4.88
CA THR B 155 22.64 10.43 -5.46
C THR B 155 22.15 9.31 -4.54
N ARG B 156 21.53 8.34 -5.19
CA ARG B 156 20.97 7.18 -4.54
C ARG B 156 22.05 6.44 -3.75
N GLU B 157 23.24 6.38 -4.33
CA GLU B 157 24.36 5.71 -3.72
C GLU B 157 24.74 6.39 -2.40
N PHE B 158 24.77 7.72 -2.41
CA PHE B 158 25.11 8.52 -1.23
C PHE B 158 24.07 8.36 -0.11
N LEU B 159 22.80 8.53 -0.45
CA LEU B 159 21.74 8.40 0.53
C LEU B 159 21.82 7.00 1.14
N LYS B 160 22.20 6.04 0.32
CA LYS B 160 22.33 4.66 0.74
C LYS B 160 23.48 4.49 1.73
N SER B 161 24.50 5.34 1.60
CA SER B 161 25.68 5.26 2.45
C SER B 161 25.56 5.95 3.80
N LEU B 162 24.47 6.68 4.04
CA LEU B 162 24.35 7.36 5.31
C LEU B 162 24.57 6.35 6.43
N ARG B 163 24.87 6.84 7.63
CA ARG B 163 25.15 5.93 8.73
C ARG B 163 23.94 5.17 9.28
N LYS B 164 24.24 4.08 9.97
CA LYS B 164 23.27 3.22 10.63
C LYS B 164 21.89 3.06 9.94
N PRO B 165 20.76 3.34 10.65
CA PRO B 165 19.50 3.16 9.91
C PRO B 165 19.14 4.24 8.90
N PHE B 166 19.75 5.41 9.03
CA PHE B 166 19.45 6.51 8.12
C PHE B 166 19.65 6.12 6.66
N GLY B 167 20.65 5.28 6.41
CA GLY B 167 20.94 4.84 5.06
C GLY B 167 19.93 3.91 4.40
N ASP B 168 18.89 3.50 5.12
CA ASP B 168 17.88 2.61 4.56
C ASP B 168 16.55 3.30 4.33
N PHE B 169 16.51 4.63 4.46
CA PHE B 169 15.27 5.37 4.28
C PHE B 169 14.85 5.56 2.83
N MET B 170 15.78 6.02 2.01
CA MET B 170 15.50 6.31 0.61
C MET B 170 15.41 5.14 -0.35
N GLU B 171 16.21 4.09 -0.13
CA GLU B 171 16.20 2.94 -1.04
C GLU B 171 14.80 2.40 -1.37
N PRO B 172 13.93 2.19 -0.37
CA PRO B 172 12.60 1.68 -0.73
C PRO B 172 11.88 2.66 -1.67
N LYS B 173 12.10 3.95 -1.45
CA LYS B 173 11.48 4.99 -2.26
C LYS B 173 12.03 4.98 -3.69
N PHE B 174 13.33 4.75 -3.83
CA PHE B 174 13.89 4.71 -5.18
C PHE B 174 13.34 3.50 -5.93
N GLU B 175 13.23 2.36 -5.25
CA GLU B 175 12.69 1.15 -5.89
C GLU B 175 11.28 1.44 -6.40
N PHE B 176 10.46 2.09 -5.58
CA PHE B 176 9.10 2.44 -5.92
C PHE B 176 9.06 3.42 -7.11
N ALA B 177 9.90 4.45 -7.06
CA ALA B 177 9.92 5.45 -8.10
C ALA B 177 10.25 4.89 -9.48
N VAL B 178 11.25 4.02 -9.56
CA VAL B 178 11.62 3.42 -10.83
C VAL B 178 10.43 2.69 -11.45
N LYS B 179 9.82 1.78 -10.70
CA LYS B 179 8.66 1.04 -11.20
C LYS B 179 7.49 1.97 -11.53
N PHE B 180 7.30 3.00 -10.69
CA PHE B 180 6.21 3.93 -10.89
C PHE B 180 6.47 4.83 -12.09
N ASN B 181 7.73 5.27 -12.26
CA ASN B 181 8.06 6.12 -13.39
C ASN B 181 7.98 5.36 -14.70
N ALA B 182 8.07 4.03 -14.61
CA ALA B 182 7.99 3.19 -15.79
C ALA B 182 6.62 3.35 -16.45
N LEU B 183 5.64 3.79 -15.66
CA LEU B 183 4.30 3.97 -16.19
C LEU B 183 4.18 5.23 -17.06
N GLU B 184 5.18 6.10 -16.98
CA GLU B 184 5.22 7.34 -17.78
C GLU B 184 3.99 8.26 -17.66
N LEU B 185 3.48 8.45 -16.45
CA LEU B 185 2.33 9.33 -16.24
C LEU B 185 2.72 10.81 -16.29
N ASP B 186 1.80 11.66 -16.76
CA ASP B 186 2.07 13.09 -16.78
C ASP B 186 1.26 13.75 -15.66
N ASP B 187 1.46 15.05 -15.48
CA ASP B 187 0.76 15.80 -14.43
C ASP B 187 -0.75 15.72 -14.49
N SER B 188 -1.32 15.65 -15.69
CA SER B 188 -2.75 15.58 -15.83
C SER B 188 -3.25 14.21 -15.34
N ASP B 189 -2.40 13.19 -15.48
CA ASP B 189 -2.74 11.85 -14.99
C ASP B 189 -2.67 11.90 -13.46
N LEU B 190 -1.49 12.28 -12.98
CA LEU B 190 -1.21 12.36 -11.55
C LEU B 190 -2.28 13.16 -10.78
N ALA B 191 -2.78 14.23 -11.38
CA ALA B 191 -3.80 15.05 -10.72
C ALA B 191 -5.00 14.20 -10.31
N ILE B 192 -5.47 13.33 -11.20
CA ILE B 192 -6.61 12.48 -10.87
C ILE B 192 -6.21 11.38 -9.88
N PHE B 193 -5.07 10.75 -10.12
CA PHE B 193 -4.58 9.68 -9.24
C PHE B 193 -4.51 10.15 -7.79
N ILE B 194 -3.91 11.32 -7.60
CA ILE B 194 -3.75 11.92 -6.28
C ILE B 194 -5.10 12.10 -5.58
N ALA B 195 -6.11 12.51 -6.34
CA ALA B 195 -7.44 12.73 -5.78
C ALA B 195 -8.07 11.40 -5.37
N VAL B 196 -7.76 10.34 -6.12
CA VAL B 196 -8.28 9.01 -5.84
C VAL B 196 -7.72 8.52 -4.51
N ILE B 197 -6.44 8.83 -4.27
CA ILE B 197 -5.76 8.45 -3.04
C ILE B 197 -6.38 9.16 -1.84
N ILE B 198 -6.71 10.44 -1.99
CA ILE B 198 -7.28 11.20 -0.90
C ILE B 198 -8.65 10.65 -0.51
N LEU B 199 -9.48 10.39 -1.51
CA LEU B 199 -10.81 9.86 -1.27
C LEU B 199 -10.87 8.33 -1.09
N SER B 200 -10.11 7.81 -0.14
CA SER B 200 -10.10 6.37 0.14
C SER B 200 -11.07 6.06 1.28
N GLY B 201 -12.07 5.26 1.00
CA GLY B 201 -13.06 4.94 2.03
C GLY B 201 -12.67 3.84 3.01
N ASP B 202 -11.43 3.37 2.95
CA ASP B 202 -10.97 2.31 3.85
C ASP B 202 -10.05 2.80 4.95
N ARG B 203 -10.00 4.12 5.16
CA ARG B 203 -9.14 4.67 6.20
C ARG B 203 -9.74 4.45 7.57
N PRO B 204 -8.92 4.05 8.55
CA PRO B 204 -9.38 3.80 9.91
C PRO B 204 -10.05 5.05 10.51
N GLY B 205 -11.18 4.85 11.20
CA GLY B 205 -11.86 5.96 11.84
C GLY B 205 -12.83 6.80 11.04
N LEU B 206 -13.08 6.45 9.78
CA LEU B 206 -14.01 7.22 8.97
C LEU B 206 -15.43 7.07 9.54
N LEU B 207 -16.17 8.18 9.56
CA LEU B 207 -17.54 8.17 10.07
C LEU B 207 -18.57 7.81 9.01
N ASN B 208 -18.47 8.44 7.83
CA ASN B 208 -19.40 8.18 6.73
C ASN B 208 -18.62 7.72 5.50
N VAL B 209 -18.60 6.40 5.28
CA VAL B 209 -17.89 5.83 4.15
C VAL B 209 -18.50 6.09 2.78
N LYS B 210 -19.81 5.86 2.63
CA LYS B 210 -20.48 6.03 1.33
C LYS B 210 -20.18 7.32 0.54
N PRO B 211 -20.33 8.49 1.17
CA PRO B 211 -20.05 9.72 0.41
C PRO B 211 -18.65 9.67 -0.19
N ILE B 212 -17.70 9.22 0.62
CA ILE B 212 -16.32 9.12 0.18
C ILE B 212 -16.18 8.14 -0.99
N GLU B 213 -16.82 6.97 -0.88
CA GLU B 213 -16.74 5.99 -1.95
C GLU B 213 -17.41 6.46 -3.24
N ASP B 214 -18.56 7.12 -3.11
CA ASP B 214 -19.26 7.61 -4.30
C ASP B 214 -18.36 8.58 -5.07
N ILE B 215 -17.72 9.50 -4.36
CA ILE B 215 -16.83 10.46 -5.01
C ILE B 215 -15.65 9.72 -5.64
N GLN B 216 -15.11 8.72 -4.94
CA GLN B 216 -13.98 8.02 -5.51
C GLN B 216 -14.37 7.29 -6.79
N ASP B 217 -15.57 6.70 -6.82
CA ASP B 217 -16.00 6.01 -8.04
C ASP B 217 -15.97 6.95 -9.23
N ASN B 218 -16.44 8.19 -9.06
CA ASN B 218 -16.39 9.13 -10.17
C ASN B 218 -14.94 9.52 -10.53
N LEU B 219 -14.08 9.67 -9.52
CA LEU B 219 -12.68 10.01 -9.79
C LEU B 219 -12.03 8.85 -10.52
N LEU B 220 -12.38 7.63 -10.11
CA LEU B 220 -11.84 6.41 -10.73
C LEU B 220 -12.23 6.34 -12.20
N GLN B 221 -13.48 6.64 -12.50
CA GLN B 221 -13.96 6.62 -13.88
C GLN B 221 -13.30 7.73 -14.68
N ALA B 222 -13.03 8.86 -14.04
CA ALA B 222 -12.39 9.98 -14.71
C ALA B 222 -10.97 9.56 -15.07
N LEU B 223 -10.26 8.97 -14.10
CA LEU B 223 -8.88 8.51 -14.29
C LEU B 223 -8.79 7.47 -15.41
N GLU B 224 -9.69 6.51 -15.36
CA GLU B 224 -9.75 5.45 -16.37
C GLU B 224 -9.90 6.06 -17.77
N LEU B 225 -10.81 7.01 -17.91
CA LEU B 225 -10.99 7.64 -19.22
C LEU B 225 -9.75 8.44 -19.59
N GLN B 226 -9.17 9.16 -18.63
CA GLN B 226 -7.96 9.96 -18.87
C GLN B 226 -6.83 9.11 -19.43
N LEU B 227 -6.61 7.95 -18.83
CA LEU B 227 -5.55 7.04 -19.26
C LEU B 227 -5.81 6.47 -20.66
N LYS B 228 -7.06 6.09 -20.94
CA LYS B 228 -7.39 5.55 -22.26
C LYS B 228 -7.04 6.59 -23.33
N LEU B 229 -7.48 7.82 -23.12
CA LEU B 229 -7.22 8.90 -24.07
C LEU B 229 -5.78 9.35 -24.11
N ASN B 230 -5.16 9.51 -22.95
CA ASN B 230 -3.78 9.98 -22.85
C ASN B 230 -2.71 8.93 -23.16
N HIS B 231 -3.02 7.66 -22.95
CA HIS B 231 -2.07 6.58 -23.23
C HIS B 231 -2.76 5.42 -23.94
N PRO B 232 -3.21 5.64 -25.19
CA PRO B 232 -3.91 4.64 -26.01
C PRO B 232 -3.21 3.32 -26.28
N GLU B 233 -1.88 3.31 -26.22
CA GLU B 233 -1.13 2.09 -26.49
C GLU B 233 -0.62 1.30 -25.30
N SER B 234 -0.87 1.79 -24.08
CA SER B 234 -0.41 1.09 -22.89
C SER B 234 -1.52 0.21 -22.29
N SER B 235 -1.37 -1.10 -22.41
CA SER B 235 -2.35 -2.03 -21.89
C SER B 235 -2.31 -2.15 -20.38
N GLN B 236 -3.49 -2.39 -19.79
CA GLN B 236 -3.67 -2.56 -18.35
C GLN B 236 -3.06 -1.46 -17.45
N LEU B 237 -2.84 -0.28 -18.02
CA LEU B 237 -2.29 0.84 -17.26
C LEU B 237 -3.15 1.21 -16.05
N PHE B 238 -4.46 1.25 -16.25
CA PHE B 238 -5.38 1.56 -15.15
C PHE B 238 -5.12 0.58 -13.98
N ALA B 239 -5.02 -0.71 -14.29
CA ALA B 239 -4.79 -1.72 -13.26
C ALA B 239 -3.37 -1.64 -12.67
N LYS B 240 -2.38 -1.32 -13.49
CA LYS B 240 -1.00 -1.20 -13.01
C LYS B 240 -0.89 0.00 -12.05
N LEU B 241 -1.68 1.03 -12.30
CA LEU B 241 -1.66 2.23 -11.46
C LEU B 241 -2.36 2.01 -10.12
N LEU B 242 -3.56 1.42 -10.14
CA LEU B 242 -4.27 1.16 -8.88
C LEU B 242 -3.45 0.21 -8.01
N GLN B 243 -2.67 -0.67 -8.66
CA GLN B 243 -1.83 -1.62 -7.94
C GLN B 243 -0.82 -0.85 -7.09
N LYS B 244 -0.39 0.30 -7.61
CA LYS B 244 0.58 1.15 -6.94
C LYS B 244 0.04 1.67 -5.62
N MET B 245 -1.28 1.70 -5.48
CA MET B 245 -1.85 2.18 -4.23
C MET B 245 -1.62 1.21 -3.07
N THR B 246 -1.36 -0.07 -3.35
CA THR B 246 -1.14 -0.97 -2.22
C THR B 246 0.36 -0.95 -1.92
N ASP B 247 1.17 -0.66 -2.94
CA ASP B 247 2.61 -0.57 -2.76
C ASP B 247 2.92 0.63 -1.88
N LEU B 248 2.12 1.68 -2.02
CA LEU B 248 2.31 2.88 -1.22
C LEU B 248 2.04 2.55 0.26
N ARG B 249 1.13 1.61 0.51
CA ARG B 249 0.80 1.22 1.89
C ARG B 249 2.05 0.63 2.54
N GLN B 250 2.77 -0.20 1.78
CA GLN B 250 3.98 -0.83 2.30
C GLN B 250 5.11 0.17 2.52
N ILE B 251 5.24 1.13 1.62
CA ILE B 251 6.30 2.12 1.77
C ILE B 251 6.07 2.96 3.01
N VAL B 252 4.83 3.40 3.20
CA VAL B 252 4.48 4.21 4.36
C VAL B 252 4.69 3.47 5.68
N THR B 253 4.16 2.25 5.80
CA THR B 253 4.31 1.52 7.06
C THR B 253 5.78 1.21 7.33
N GLU B 254 6.47 0.80 6.28
CA GLU B 254 7.88 0.50 6.39
C GLU B 254 8.65 1.75 6.85
N HIS B 255 8.25 2.91 6.33
CA HIS B 255 8.88 4.17 6.68
C HIS B 255 8.60 4.49 8.15
N VAL B 256 7.37 4.29 8.58
CA VAL B 256 6.99 4.55 9.96
C VAL B 256 7.82 3.70 10.92
N GLN B 257 8.05 2.44 10.56
CA GLN B 257 8.82 1.54 11.41
C GLN B 257 10.23 2.06 11.62
N LEU B 258 10.85 2.50 10.53
CA LEU B 258 12.19 3.03 10.59
C LEU B 258 12.20 4.29 11.47
N LEU B 259 11.18 5.13 11.36
CA LEU B 259 11.15 6.33 12.20
C LEU B 259 11.10 5.91 13.67
N GLN B 260 10.66 4.68 13.93
CA GLN B 260 10.59 4.15 15.28
C GLN B 260 11.96 3.68 15.75
N VAL B 261 12.78 3.21 14.81
CA VAL B 261 14.14 2.76 15.12
C VAL B 261 14.95 4.00 15.50
N ILE B 262 14.78 5.07 14.72
CA ILE B 262 15.48 6.33 14.96
C ILE B 262 15.09 6.86 16.34
N LYS B 263 13.81 6.72 16.66
CA LYS B 263 13.30 7.19 17.94
C LYS B 263 13.93 6.43 19.11
N LYS B 264 14.26 5.16 18.88
CA LYS B 264 14.88 4.36 19.93
C LYS B 264 16.39 4.56 20.01
N THR B 265 17.04 4.61 18.86
CA THR B 265 18.49 4.78 18.81
C THR B 265 18.99 6.21 18.94
N GLU B 266 18.08 7.17 19.08
CA GLU B 266 18.47 8.57 19.21
C GLU B 266 17.52 9.28 20.19
N THR B 267 18.06 9.76 21.31
CA THR B 267 17.24 10.46 22.31
C THR B 267 16.68 11.78 21.79
N ASP B 268 17.44 12.46 20.95
CA ASP B 268 17.00 13.74 20.40
C ASP B 268 16.40 13.57 19.00
N MET B 269 15.42 12.68 18.89
CA MET B 269 14.74 12.41 17.63
C MET B 269 14.18 13.72 17.08
N SER B 270 13.27 14.32 17.85
CA SER B 270 12.64 15.59 17.49
C SER B 270 11.99 15.63 16.11
N LEU B 271 10.66 15.67 16.11
CA LEU B 271 9.90 15.72 14.87
C LEU B 271 9.03 16.98 14.88
N HIS B 272 8.81 17.56 13.70
CA HIS B 272 8.00 18.76 13.53
C HIS B 272 6.59 18.42 14.01
N PRO B 273 5.95 19.34 14.74
CA PRO B 273 4.59 19.10 15.26
C PRO B 273 3.53 18.66 14.24
N LEU B 274 3.57 19.18 13.02
CA LEU B 274 2.60 18.79 12.02
C LEU B 274 2.75 17.31 11.70
N LEU B 275 3.99 16.82 11.70
CA LEU B 275 4.27 15.42 11.41
C LEU B 275 3.94 14.51 12.60
N GLN B 276 4.13 15.02 13.81
CA GLN B 276 3.83 14.25 15.02
C GLN B 276 2.34 14.03 15.05
N GLU B 277 1.62 15.10 14.76
CA GLU B 277 0.16 15.06 14.72
C GLU B 277 -0.29 14.02 13.69
N ILE B 278 0.30 14.06 12.51
CA ILE B 278 -0.06 13.12 11.46
C ILE B 278 0.35 11.71 11.85
N TYR B 279 1.56 11.58 12.36
CA TYR B 279 2.08 10.27 12.75
C TYR B 279 1.51 9.65 14.00
N LYS B 280 0.90 10.45 14.86
CA LYS B 280 0.34 9.88 16.08
C LYS B 280 -0.84 8.97 15.74
N ASP B 281 -0.71 7.69 16.10
CA ASP B 281 -1.75 6.71 15.85
C ASP B 281 -2.14 6.62 14.38
N LEU B 282 -1.16 6.28 13.53
CA LEU B 282 -1.38 6.13 12.10
C LEU B 282 -1.60 4.64 11.78
N TYR B 283 -0.70 4.06 11.00
CA TYR B 283 -0.79 2.65 10.59
C TYR B 283 0.52 2.19 9.97
N HIS C 12 13.77 -24.13 3.68
CA HIS C 12 12.39 -24.24 4.22
C HIS C 12 11.88 -25.65 3.94
N LYS C 13 12.20 -26.57 4.84
CA LYS C 13 11.79 -27.98 4.71
C LYS C 13 10.37 -28.18 4.21
N ILE C 14 9.40 -27.92 5.08
CA ILE C 14 8.00 -28.11 4.74
C ILE C 14 7.57 -27.56 3.37
N LEU C 15 7.66 -26.25 3.17
CA LEU C 15 7.24 -25.61 1.92
C LEU C 15 7.90 -26.16 0.65
N HIS C 16 9.21 -26.33 0.71
CA HIS C 16 9.95 -26.85 -0.43
C HIS C 16 9.51 -28.29 -0.71
N ARG C 17 9.33 -29.06 0.35
CA ARG C 17 8.92 -30.46 0.20
C ARG C 17 7.53 -30.53 -0.44
N LEU C 18 6.54 -29.93 0.22
CA LEU C 18 5.16 -29.93 -0.27
C LEU C 18 4.99 -29.55 -1.74
N LEU C 19 5.85 -28.65 -2.21
CA LEU C 19 5.79 -28.17 -3.58
C LEU C 19 6.38 -29.10 -4.64
N GLN C 20 7.32 -29.96 -4.26
CA GLN C 20 7.94 -30.82 -5.25
C GLN C 20 7.31 -32.21 -5.43
N GLU C 21 6.06 -32.36 -5.00
CA GLU C 21 5.37 -33.64 -5.15
C GLU C 21 4.15 -33.53 -6.06
N GLU D 10 -6.48 12.44 20.03
CA GLU D 10 -6.06 12.82 18.65
C GLU D 10 -6.04 14.33 18.43
N ARG D 11 -7.20 14.93 18.19
CA ARG D 11 -7.33 16.37 17.98
C ARG D 11 -6.87 16.88 16.61
N HIS D 12 -5.59 16.67 16.27
CA HIS D 12 -5.05 17.11 15.00
C HIS D 12 -5.27 18.62 14.82
N LYS D 13 -4.72 19.41 15.72
CA LYS D 13 -4.86 20.88 15.69
C LYS D 13 -4.45 21.59 14.40
N ILE D 14 -3.22 21.38 13.96
CA ILE D 14 -2.76 22.05 12.74
C ILE D 14 -3.49 21.60 11.47
N LEU D 15 -3.78 20.31 11.35
CA LEU D 15 -4.51 19.85 10.16
C LEU D 15 -5.85 20.61 10.08
N HIS D 16 -6.55 20.71 11.21
CA HIS D 16 -7.82 21.44 11.28
C HIS D 16 -7.64 22.88 10.80
N ARG D 17 -6.58 23.53 11.28
CA ARG D 17 -6.28 24.91 10.91
C ARG D 17 -6.07 25.02 9.40
N LEU D 18 -5.22 24.17 8.84
CA LEU D 18 -4.95 24.20 7.41
C LEU D 18 -6.25 24.07 6.61
N LEU D 19 -7.09 23.10 6.99
CA LEU D 19 -8.37 22.89 6.31
C LEU D 19 -9.26 24.12 6.45
N GLN D 20 -9.23 24.71 7.64
CA GLN D 20 -10.02 25.89 8.00
C GLN D 20 -9.60 27.15 7.26
N GLU D 21 -8.31 27.49 7.32
CA GLU D 21 -7.79 28.68 6.68
C GLU D 21 -6.80 28.32 5.57
N GLY D 22 -5.64 27.82 5.97
CA GLY D 22 -4.63 27.45 5.02
C GLY D 22 -3.26 27.65 5.63
N SER D 23 -2.42 28.43 4.94
CA SER D 23 -1.08 28.71 5.44
C SER D 23 -0.66 30.12 5.06
N PRO D 24 0.03 30.83 5.98
CA PRO D 24 0.49 32.19 5.72
C PRO D 24 1.41 32.27 4.50
N SER D 25 2.01 33.43 4.30
CA SER D 25 2.93 33.62 3.18
C SER D 25 4.35 33.24 3.59
#